data_4WRQ
#
_entry.id   4WRQ
#
_cell.length_a   70.830
_cell.length_b   71.960
_cell.length_c   130.990
_cell.angle_alpha   90.000
_cell.angle_beta   90.000
_cell.angle_gamma   90.000
#
_symmetry.space_group_name_H-M   'P 21 21 21'
#
loop_
_entity.id
_entity.type
_entity.pdbx_description
1 polymer '14-3-3 protein zeta/delta'
2 polymer Chibby
3 water water
#
loop_
_entity_poly.entity_id
_entity_poly.type
_entity_poly.pdbx_seq_one_letter_code
_entity_poly.pdbx_strand_id
1 'polypeptide(L)'
;GMDKNELVQKAKLAEQAERYDDMAACMKSVTEQGAELSNEERNLLSVAYKNVVGARRSSWRVVSSIEQKTEGAEKKQQMA
REYREKIETELRDICNDVLSLLEKFLIPNASQAESKVFYLKMKGDYYRYLAEVAAGDDKKGIVDQSQQAYQEAFEISKKE
MQPTHPIRLGLALNFSVFYYEILNSPEKACSLAKTAFDEAIAELDTLSEESYKDSTLIMQLLRDNLTLWTSDTQGDEAEA
GEGGEN
;
A,B
2 'polypeptide(L)' KTPPRKSA(SEP)LSNLHSLDR C,D
#
# COMPACT_ATOMS: atom_id res chain seq x y z
N MET A 2 -12.63 23.09 -9.76
CA MET A 2 -11.99 22.20 -10.74
C MET A 2 -12.92 21.60 -11.81
N ASP A 3 -12.31 21.07 -12.86
CA ASP A 3 -13.03 20.47 -13.98
C ASP A 3 -12.65 19.01 -14.23
N LYS A 4 -13.31 18.41 -15.23
CA LYS A 4 -13.06 17.03 -15.62
C LYS A 4 -11.57 16.77 -15.88
N ASN A 5 -10.98 17.53 -16.81
CA ASN A 5 -9.59 17.30 -17.21
C ASN A 5 -8.60 17.44 -16.05
N GLU A 6 -8.87 18.38 -15.15
CA GLU A 6 -7.97 18.57 -14.02
C GLU A 6 -8.09 17.38 -13.07
N LEU A 7 -9.32 17.05 -12.70
CA LEU A 7 -9.58 15.90 -11.87
C LEU A 7 -8.98 14.62 -12.43
N VAL A 8 -9.13 14.40 -13.73
CA VAL A 8 -8.59 13.20 -14.36
C VAL A 8 -7.07 13.18 -14.26
N GLN A 9 -6.49 14.36 -14.46
CA GLN A 9 -5.04 14.51 -14.43
C GLN A 9 -4.53 14.29 -12.99
N LYS A 10 -5.28 14.79 -12.00
CA LYS A 10 -4.94 14.54 -10.60
C LYS A 10 -5.03 13.06 -10.24
N ALA A 11 -6.06 12.39 -10.77
CA ALA A 11 -6.22 10.95 -10.59
C ALA A 11 -5.01 10.18 -11.14
N LYS A 12 -4.46 10.63 -12.28
CA LYS A 12 -3.25 10.01 -12.82
C LYS A 12 -2.03 10.23 -11.91
N LEU A 13 -1.93 11.44 -11.33
CA LEU A 13 -0.92 11.70 -10.32
C LEU A 13 -1.10 10.81 -9.09
N ALA A 14 -2.31 10.79 -8.54
CA ALA A 14 -2.62 9.90 -7.42
C ALA A 14 -2.19 8.45 -7.68
N GLU A 15 -2.54 7.91 -8.85
CA GLU A 15 -2.11 6.57 -9.22
C GLU A 15 -0.58 6.41 -9.17
N GLN A 16 0.14 7.35 -9.76
CA GLN A 16 1.60 7.25 -9.79
C GLN A 16 2.15 7.26 -8.35
N ALA A 17 1.47 7.99 -7.48
CA ALA A 17 1.90 8.12 -6.09
C ALA A 17 1.38 6.94 -5.24
N GLU A 18 0.63 6.04 -5.87
CA GLU A 18 -0.04 4.94 -5.17
C GLU A 18 -0.95 5.42 -4.02
N ARG A 19 -1.64 6.53 -4.27
CA ARG A 19 -2.56 7.11 -3.29
C ARG A 19 -3.98 6.91 -3.80
N TYR A 20 -4.54 5.72 -3.56
CA TYR A 20 -5.79 5.31 -4.21
C TYR A 20 -7.06 5.95 -3.68
N ASP A 21 -7.06 6.36 -2.42
CA ASP A 21 -8.18 7.17 -1.93
C ASP A 21 -8.28 8.49 -2.70
N ASP A 22 -7.14 9.13 -2.94
CA ASP A 22 -7.16 10.34 -3.77
C ASP A 22 -7.68 9.99 -5.16
N MET A 23 -7.20 8.87 -5.69
CA MET A 23 -7.56 8.48 -7.02
C MET A 23 -9.07 8.18 -7.10
N ALA A 24 -9.61 7.46 -6.12
CA ALA A 24 -11.03 7.14 -6.14
C ALA A 24 -11.89 8.38 -6.00
N ALA A 25 -11.52 9.28 -5.09
CA ALA A 25 -12.25 10.51 -4.86
C ALA A 25 -12.27 11.37 -6.12
N CYS A 26 -11.13 11.47 -6.79
CA CYS A 26 -11.06 12.23 -8.04
C CYS A 26 -12.01 11.68 -9.09
N MET A 27 -12.01 10.36 -9.26
CA MET A 27 -12.80 9.75 -10.31
C MET A 27 -14.28 9.74 -9.96
N LYS A 28 -14.58 9.60 -8.68
CA LYS A 28 -15.94 9.71 -8.18
C LYS A 28 -16.53 11.06 -8.57
N SER A 29 -15.76 12.12 -8.35
CA SER A 29 -16.16 13.49 -8.68
C SER A 29 -16.39 13.68 -10.18
N VAL A 30 -15.49 13.12 -10.99
CA VAL A 30 -15.66 13.10 -12.43
C VAL A 30 -16.98 12.41 -12.78
N THR A 31 -17.21 11.25 -12.17
CA THR A 31 -18.42 10.49 -12.40
C THR A 31 -19.67 11.28 -12.02
N GLU A 32 -19.56 12.11 -11.00
CA GLU A 32 -20.72 12.84 -10.50
C GLU A 32 -21.17 14.00 -11.38
N GLN A 33 -20.32 14.40 -12.33
CA GLN A 33 -20.67 15.47 -13.26
C GLN A 33 -21.67 15.02 -14.33
N GLY A 34 -22.03 13.74 -14.32
CA GLY A 34 -23.16 13.26 -15.11
C GLY A 34 -22.86 12.88 -16.55
N ALA A 35 -21.70 13.30 -17.05
CA ALA A 35 -21.33 12.99 -18.42
C ALA A 35 -20.80 11.57 -18.46
N GLU A 36 -21.05 10.89 -19.58
CA GLU A 36 -20.51 9.57 -19.82
C GLU A 36 -18.97 9.60 -19.81
N LEU A 37 -18.35 8.69 -19.06
CA LEU A 37 -16.90 8.64 -18.97
C LEU A 37 -16.32 8.10 -20.25
N SER A 38 -15.13 8.56 -20.61
CA SER A 38 -14.41 7.96 -21.73
C SER A 38 -13.90 6.59 -21.31
N ASN A 39 -13.25 5.89 -22.23
CA ASN A 39 -12.62 4.62 -21.89
C ASN A 39 -11.47 4.80 -20.89
N GLU A 40 -10.74 5.90 -21.04
CA GLU A 40 -9.62 6.22 -20.15
C GLU A 40 -10.08 6.44 -18.72
N GLU A 41 -11.10 7.27 -18.59
CA GLU A 41 -11.65 7.66 -17.30
C GLU A 41 -12.25 6.45 -16.62
N ARG A 42 -13.00 5.68 -17.39
CA ARG A 42 -13.63 4.45 -16.92
C ARG A 42 -12.61 3.53 -16.32
N ASN A 43 -11.47 3.37 -16.99
CA ASN A 43 -10.41 2.54 -16.45
C ASN A 43 -9.80 3.10 -15.19
N LEU A 44 -9.69 4.43 -15.11
CA LEU A 44 -9.12 5.09 -13.95
C LEU A 44 -10.01 4.88 -12.72
N LEU A 45 -11.32 4.99 -12.94
CA LEU A 45 -12.30 4.75 -11.90
C LEU A 45 -12.18 3.31 -11.40
N SER A 46 -12.21 2.37 -12.32
CA SER A 46 -12.15 0.95 -11.99
C SER A 46 -10.86 0.55 -11.25
N VAL A 47 -9.72 0.99 -11.75
CA VAL A 47 -8.44 0.75 -11.08
C VAL A 47 -8.39 1.35 -9.67
N ALA A 48 -8.94 2.56 -9.52
CA ALA A 48 -8.92 3.28 -8.24
C ALA A 48 -9.63 2.46 -7.18
N TYR A 49 -10.85 2.03 -7.49
CA TYR A 49 -11.66 1.34 -6.51
C TYR A 49 -11.26 -0.11 -6.35
N LYS A 50 -10.76 -0.73 -7.42
CA LYS A 50 -10.22 -2.08 -7.29
C LYS A 50 -9.17 -2.13 -6.17
N ASN A 51 -8.34 -1.10 -6.11
CA ASN A 51 -7.31 -1.01 -5.09
C ASN A 51 -7.84 -0.67 -3.72
N VAL A 52 -8.77 0.27 -3.65
CA VAL A 52 -9.37 0.67 -2.38
C VAL A 52 -10.12 -0.49 -1.73
N VAL A 53 -10.96 -1.17 -2.52
CA VAL A 53 -11.71 -2.32 -2.04
C VAL A 53 -10.79 -3.48 -1.81
N GLY A 54 -9.74 -3.56 -2.64
CA GLY A 54 -8.79 -4.66 -2.58
C GLY A 54 -8.04 -4.78 -1.25
N ALA A 55 -7.66 -3.63 -0.69
CA ALA A 55 -6.99 -3.56 0.60
C ALA A 55 -7.92 -4.11 1.69
N ARG A 56 -9.18 -3.73 1.64
CA ARG A 56 -10.14 -4.24 2.63
C ARG A 56 -10.35 -5.76 2.49
N ARG A 57 -10.44 -6.27 1.27
CA ARG A 57 -10.70 -7.69 1.08
C ARG A 57 -9.52 -8.48 1.61
N SER A 58 -8.33 -7.96 1.37
CA SER A 58 -7.11 -8.58 1.85
C SER A 58 -7.03 -8.58 3.39
N SER A 59 -7.30 -7.43 4.01
CA SER A 59 -7.30 -7.33 5.47
C SER A 59 -8.39 -8.20 6.11
N TRP A 60 -9.52 -8.35 5.43
CA TRP A 60 -10.64 -9.15 5.95
C TRP A 60 -10.22 -10.61 6.05
N ARG A 61 -9.54 -11.11 5.04
CA ARG A 61 -9.17 -12.52 5.02
C ARG A 61 -8.12 -12.92 6.05
N VAL A 62 -7.15 -12.03 6.24
CA VAL A 62 -6.15 -12.20 7.28
C VAL A 62 -6.84 -12.21 8.65
N VAL A 63 -7.68 -11.22 8.90
CA VAL A 63 -8.33 -11.07 10.20
C VAL A 63 -9.41 -12.14 10.46
N SER A 64 -10.21 -12.46 9.45
CA SER A 64 -11.20 -13.52 9.56
C SER A 64 -10.49 -14.84 9.89
N SER A 65 -9.37 -15.10 9.23
CA SER A 65 -8.61 -16.33 9.45
C SER A 65 -8.09 -16.44 10.88
N ILE A 66 -7.47 -15.36 11.35
CA ILE A 66 -6.96 -15.30 12.73
C ILE A 66 -8.07 -15.57 13.76
N GLU A 67 -9.25 -15.01 13.54
CA GLU A 67 -10.41 -15.22 14.41
C GLU A 67 -10.89 -16.68 14.55
N GLN A 78 -13.10 -12.74 20.24
CA GLN A 78 -11.93 -12.07 20.80
C GLN A 78 -11.80 -10.67 20.19
N MET A 79 -10.59 -10.11 20.25
CA MET A 79 -10.25 -8.84 19.62
C MET A 79 -10.53 -8.91 18.14
N ALA A 80 -10.23 -10.08 17.57
CA ALA A 80 -10.37 -10.32 16.15
C ALA A 80 -11.77 -10.02 15.63
N ARG A 81 -12.78 -10.62 16.25
CA ARG A 81 -14.18 -10.43 15.82
C ARG A 81 -14.56 -8.97 15.73
N GLU A 82 -14.19 -8.21 16.76
CA GLU A 82 -14.58 -6.81 16.83
C GLU A 82 -13.91 -5.98 15.72
N TYR A 83 -12.68 -6.37 15.38
CA TYR A 83 -11.87 -5.69 14.36
C TYR A 83 -12.26 -6.08 12.96
N ARG A 84 -12.50 -7.38 12.78
CA ARG A 84 -12.93 -7.93 11.50
C ARG A 84 -14.22 -7.23 11.10
N GLU A 85 -15.06 -6.91 12.09
CA GLU A 85 -16.32 -6.23 11.82
C GLU A 85 -16.10 -4.81 11.38
N LYS A 86 -15.09 -4.16 11.95
CA LYS A 86 -14.72 -2.80 11.59
C LYS A 86 -14.33 -2.72 10.12
N ILE A 87 -13.47 -3.65 9.70
CA ILE A 87 -12.97 -3.73 8.34
C ILE A 87 -14.14 -4.00 7.37
N GLU A 88 -15.00 -4.93 7.78
CA GLU A 88 -16.16 -5.33 7.02
C GLU A 88 -17.12 -4.17 6.73
N THR A 89 -17.36 -3.34 7.74
CA THR A 89 -18.18 -2.14 7.57
C THR A 89 -17.54 -1.19 6.55
N GLU A 90 -16.20 -1.06 6.58
CA GLU A 90 -15.47 -0.27 5.59
C GLU A 90 -15.67 -0.87 4.20
N LEU A 91 -15.39 -2.16 4.11
CA LEU A 91 -15.58 -2.94 2.90
C LEU A 91 -17.00 -2.77 2.35
N ARG A 92 -18.00 -2.88 3.23
CA ARG A 92 -19.39 -2.69 2.79
C ARG A 92 -19.65 -1.28 2.30
N ASP A 93 -19.12 -0.28 3.00
CA ASP A 93 -19.30 1.12 2.62
C ASP A 93 -18.67 1.43 1.26
N ILE A 94 -17.53 0.80 1.00
CA ILE A 94 -16.88 0.98 -0.29
C ILE A 94 -17.69 0.36 -1.43
N CYS A 95 -18.14 -0.88 -1.24
CA CYS A 95 -18.96 -1.53 -2.27
C CYS A 95 -20.22 -0.71 -2.54
N ASN A 96 -20.89 -0.28 -1.48
CA ASN A 96 -22.08 0.55 -1.64
C ASN A 96 -21.83 1.84 -2.39
N ASP A 97 -20.67 2.43 -2.18
CA ASP A 97 -20.29 3.66 -2.87
C ASP A 97 -20.23 3.41 -4.38
N VAL A 98 -19.59 2.31 -4.77
CA VAL A 98 -19.42 1.96 -6.17
C VAL A 98 -20.73 1.50 -6.81
N LEU A 99 -21.49 0.70 -6.08
CA LEU A 99 -22.78 0.24 -6.58
C LEU A 99 -23.73 1.43 -6.74
N SER A 100 -23.62 2.40 -5.83
CA SER A 100 -24.41 3.63 -5.96
C SER A 100 -24.06 4.41 -7.23
N LEU A 101 -22.77 4.58 -7.52
CA LEU A 101 -22.34 5.31 -8.71
C LEU A 101 -22.81 4.60 -9.96
N LEU A 102 -22.95 3.28 -9.87
CA LEU A 102 -23.34 2.47 -11.01
C LEU A 102 -24.84 2.68 -11.35
N GLU A 103 -25.69 2.72 -10.32
CA GLU A 103 -27.11 2.97 -10.52
C GLU A 103 -27.42 4.41 -10.93
N LYS A 104 -26.85 5.36 -10.22
CA LYS A 104 -27.16 6.78 -10.46
C LYS A 104 -26.55 7.34 -11.75
N PHE A 105 -25.39 6.84 -12.16
CA PHE A 105 -24.68 7.49 -13.28
C PHE A 105 -24.23 6.56 -14.41
N LEU A 106 -23.43 5.56 -14.07
CA LEU A 106 -22.68 4.80 -15.06
C LEU A 106 -23.52 3.87 -15.92
N ILE A 107 -24.40 3.10 -15.30
CA ILE A 107 -25.22 2.19 -16.08
C ILE A 107 -26.29 2.91 -16.92
N PRO A 108 -27.06 3.85 -16.32
CA PRO A 108 -28.05 4.53 -17.16
C PRO A 108 -27.47 5.34 -18.34
N ASN A 109 -26.23 5.80 -18.24
CA ASN A 109 -25.63 6.59 -19.31
C ASN A 109 -24.77 5.77 -20.27
N ALA A 110 -24.68 4.47 -20.03
CA ALA A 110 -23.87 3.67 -20.92
C ALA A 110 -24.63 3.57 -22.24
N SER A 111 -24.17 4.34 -23.23
CA SER A 111 -24.82 4.40 -24.54
C SER A 111 -24.36 3.25 -25.40
N GLN A 112 -23.08 2.88 -25.27
CA GLN A 112 -22.48 1.85 -26.10
C GLN A 112 -22.52 0.49 -25.40
N ALA A 113 -22.58 -0.58 -26.20
CA ALA A 113 -22.65 -1.94 -25.68
C ALA A 113 -21.44 -2.29 -24.80
N GLU A 114 -20.24 -1.90 -25.23
CA GLU A 114 -19.01 -2.18 -24.49
C GLU A 114 -19.06 -1.64 -23.05
N SER A 115 -19.61 -0.45 -22.89
CA SER A 115 -19.69 0.21 -21.59
C SER A 115 -20.72 -0.46 -20.70
N LYS A 116 -21.80 -0.90 -21.32
CA LYS A 116 -22.88 -1.55 -20.61
C LYS A 116 -22.37 -2.86 -20.02
N VAL A 117 -21.59 -3.61 -20.81
CA VAL A 117 -20.96 -4.85 -20.36
C VAL A 117 -19.96 -4.58 -19.22
N PHE A 118 -19.05 -3.66 -19.48
CA PHE A 118 -18.08 -3.21 -18.49
C PHE A 118 -18.74 -2.88 -17.15
N TYR A 119 -19.76 -2.04 -17.19
CA TYR A 119 -20.43 -1.60 -15.97
C TYR A 119 -21.28 -2.68 -15.30
N LEU A 120 -21.99 -3.46 -16.10
CA LEU A 120 -22.76 -4.57 -15.55
C LEU A 120 -21.82 -5.60 -14.90
N LYS A 121 -20.64 -5.79 -15.49
CA LYS A 121 -19.64 -6.68 -14.90
C LYS A 121 -19.19 -6.12 -13.55
N MET A 122 -18.90 -4.83 -13.54
CA MET A 122 -18.46 -4.15 -12.32
C MET A 122 -19.50 -4.30 -11.21
N LYS A 123 -20.77 -4.17 -11.59
CA LYS A 123 -21.88 -4.37 -10.65
C LYS A 123 -21.90 -5.81 -10.11
N GLY A 124 -21.68 -6.77 -10.98
CA GLY A 124 -21.55 -8.16 -10.55
C GLY A 124 -20.38 -8.33 -9.62
N ASP A 125 -19.24 -7.76 -10.01
CA ASP A 125 -18.02 -7.82 -9.19
C ASP A 125 -18.26 -7.33 -7.76
N TYR A 126 -18.83 -6.14 -7.63
CA TYR A 126 -19.01 -5.52 -6.32
C TYR A 126 -20.13 -6.14 -5.48
N TYR A 127 -21.06 -6.86 -6.11
CA TYR A 127 -21.97 -7.68 -5.32
C TYR A 127 -21.28 -8.94 -4.91
N ARG A 128 -20.38 -9.44 -5.74
CA ARG A 128 -19.57 -10.59 -5.36
C ARG A 128 -18.70 -10.26 -4.14
N TYR A 129 -18.15 -9.06 -4.09
CA TYR A 129 -17.29 -8.69 -2.96
C TYR A 129 -18.12 -8.58 -1.68
N LEU A 130 -19.33 -8.02 -1.81
CA LEU A 130 -20.29 -8.07 -0.72
C LEU A 130 -20.65 -9.52 -0.30
N ALA A 131 -20.88 -10.40 -1.28
CA ALA A 131 -21.20 -11.80 -0.98
C ALA A 131 -20.11 -12.53 -0.24
N GLU A 132 -18.86 -12.17 -0.52
CA GLU A 132 -17.73 -12.79 0.15
C GLU A 132 -17.82 -12.67 1.67
N VAL A 133 -18.49 -11.63 2.16
CA VAL A 133 -18.56 -11.37 3.59
C VAL A 133 -19.98 -11.47 4.17
N ALA A 134 -20.98 -11.72 3.33
CA ALA A 134 -22.35 -11.88 3.81
C ALA A 134 -22.53 -13.26 4.44
N ALA A 135 -23.04 -13.30 5.67
CA ALA A 135 -23.26 -14.59 6.35
C ALA A 135 -24.73 -14.88 6.65
N GLY A 136 -25.52 -13.85 6.91
CA GLY A 136 -26.92 -14.01 7.27
C GLY A 136 -27.75 -14.45 6.07
N ASP A 137 -29.06 -14.50 6.25
CA ASP A 137 -30.00 -14.77 5.14
C ASP A 137 -30.06 -13.61 4.15
N ASP A 138 -29.13 -12.67 4.34
CA ASP A 138 -28.98 -11.48 3.52
C ASP A 138 -28.14 -11.83 2.30
N LYS A 139 -27.27 -12.81 2.47
CA LYS A 139 -26.36 -13.30 1.45
C LYS A 139 -27.10 -13.63 0.14
N LYS A 140 -28.18 -14.40 0.29
CA LYS A 140 -29.05 -14.87 -0.80
C LYS A 140 -29.41 -13.80 -1.83
N GLY A 141 -29.99 -12.70 -1.36
CA GLY A 141 -30.36 -11.59 -2.22
C GLY A 141 -29.15 -10.96 -2.89
N ILE A 142 -28.06 -10.85 -2.14
CA ILE A 142 -26.81 -10.30 -2.66
C ILE A 142 -26.24 -11.20 -3.75
N VAL A 143 -26.11 -12.49 -3.44
CA VAL A 143 -25.62 -13.47 -4.40
C VAL A 143 -26.44 -13.41 -5.68
N ASP A 144 -27.75 -13.25 -5.50
CA ASP A 144 -28.65 -13.21 -6.64
C ASP A 144 -28.41 -11.94 -7.46
N GLN A 145 -28.19 -10.83 -6.75
CA GLN A 145 -27.85 -9.56 -7.37
C GLN A 145 -26.59 -9.64 -8.22
N SER A 146 -25.59 -10.35 -7.73
CA SER A 146 -24.34 -10.50 -8.48
C SER A 146 -24.61 -11.31 -9.74
N GLN A 147 -25.36 -12.40 -9.61
CA GLN A 147 -25.66 -13.22 -10.77
C GLN A 147 -26.50 -12.51 -11.83
N GLN A 148 -27.49 -11.73 -11.38
CA GLN A 148 -28.30 -10.97 -12.32
C GLN A 148 -27.48 -10.01 -13.18
N ALA A 149 -26.58 -9.27 -12.52
CA ALA A 149 -25.70 -8.34 -13.21
C ALA A 149 -24.72 -9.04 -14.16
N TYR A 150 -24.07 -10.09 -13.67
CA TYR A 150 -23.21 -10.92 -14.50
C TYR A 150 -23.94 -11.51 -15.73
N GLN A 151 -25.13 -12.09 -15.50
CA GLN A 151 -25.90 -12.75 -16.57
C GLN A 151 -26.29 -11.82 -17.74
N GLU A 152 -26.82 -10.66 -17.40
CA GLU A 152 -27.21 -9.67 -18.41
C GLU A 152 -26.00 -9.16 -19.22
N ALA A 153 -24.90 -8.87 -18.52
CA ALA A 153 -23.65 -8.44 -19.17
C ALA A 153 -23.16 -9.51 -20.11
N PHE A 154 -23.24 -10.76 -19.65
CA PHE A 154 -22.88 -11.93 -20.44
C PHE A 154 -23.68 -11.96 -21.75
N GLU A 155 -25.00 -11.77 -21.64
CA GLU A 155 -25.86 -11.85 -22.82
C GLU A 155 -25.52 -10.76 -23.84
N ILE A 156 -25.28 -9.55 -23.36
CA ILE A 156 -24.91 -8.45 -24.23
C ILE A 156 -23.54 -8.67 -24.90
N SER A 157 -22.55 -9.15 -24.16
CA SER A 157 -21.23 -9.40 -24.75
C SER A 157 -21.24 -10.49 -25.83
N LYS A 158 -22.07 -11.51 -25.63
CA LYS A 158 -22.22 -12.58 -26.63
C LYS A 158 -22.87 -12.05 -27.91
N LYS A 159 -23.91 -11.26 -27.73
CA LYS A 159 -24.58 -10.61 -28.85
C LYS A 159 -23.68 -9.60 -29.55
N GLU A 160 -23.00 -8.76 -28.78
CA GLU A 160 -22.37 -7.59 -29.37
C GLU A 160 -20.87 -7.65 -29.59
N MET A 161 -20.18 -8.58 -28.93
CA MET A 161 -18.71 -8.59 -28.99
C MET A 161 -18.10 -9.86 -29.61
N GLN A 162 -16.91 -9.72 -30.19
CA GLN A 162 -16.13 -10.87 -30.64
C GLN A 162 -15.69 -11.66 -29.41
N PRO A 163 -15.55 -12.99 -29.54
CA PRO A 163 -15.11 -13.90 -28.47
C PRO A 163 -13.68 -13.62 -27.99
N THR A 164 -12.91 -12.89 -28.79
CA THR A 164 -11.55 -12.48 -28.41
C THR A 164 -11.51 -11.11 -27.75
N HIS A 165 -12.65 -10.46 -27.62
CA HIS A 165 -12.68 -9.14 -27.02
C HIS A 165 -12.25 -9.22 -25.55
N PRO A 166 -11.29 -8.39 -25.15
CA PRO A 166 -10.83 -8.45 -23.75
C PRO A 166 -11.92 -8.26 -22.69
N ILE A 167 -12.89 -7.37 -22.93
CA ILE A 167 -13.95 -7.10 -21.96
C ILE A 167 -14.87 -8.32 -21.84
N ARG A 168 -15.08 -9.01 -22.95
CA ARG A 168 -15.92 -10.19 -22.96
C ARG A 168 -15.21 -11.37 -22.25
N LEU A 169 -13.94 -11.55 -22.57
CA LEU A 169 -13.12 -12.58 -21.90
C LEU A 169 -13.00 -12.36 -20.40
N GLY A 170 -12.83 -11.09 -20.01
CA GLY A 170 -12.70 -10.71 -18.61
C GLY A 170 -13.98 -10.97 -17.83
N LEU A 171 -15.11 -10.77 -18.49
CA LEU A 171 -16.41 -11.04 -17.87
C LEU A 171 -16.59 -12.55 -17.61
N ALA A 172 -16.26 -13.36 -18.61
CA ALA A 172 -16.35 -14.81 -18.46
C ALA A 172 -15.50 -15.26 -17.28
N LEU A 173 -14.29 -14.70 -17.20
CA LEU A 173 -13.38 -14.96 -16.11
C LEU A 173 -13.98 -14.71 -14.72
N ASN A 174 -14.50 -13.50 -14.50
CA ASN A 174 -15.02 -13.14 -13.19
C ASN A 174 -16.33 -13.86 -12.88
N PHE A 175 -17.14 -14.05 -13.93
CA PHE A 175 -18.40 -14.76 -13.82
C PHE A 175 -18.14 -16.21 -13.49
N SER A 176 -17.11 -16.80 -14.08
CA SER A 176 -16.78 -18.18 -13.77
C SER A 176 -16.27 -18.28 -12.34
N VAL A 177 -15.46 -17.31 -11.90
CA VAL A 177 -15.04 -17.20 -10.51
C VAL A 177 -16.26 -17.08 -9.58
N PHE A 178 -17.27 -16.34 -10.00
CA PHE A 178 -18.52 -16.28 -9.24
C PHE A 178 -19.11 -17.68 -9.00
N TYR A 179 -19.21 -18.48 -10.05
CA TYR A 179 -19.77 -19.82 -9.91
C TYR A 179 -18.93 -20.69 -8.96
N TYR A 180 -17.62 -20.64 -9.10
CA TYR A 180 -16.75 -21.46 -8.27
C TYR A 180 -16.81 -21.01 -6.81
N GLU A 181 -16.53 -19.74 -6.54
CA GLU A 181 -16.35 -19.27 -5.17
C GLU A 181 -17.64 -19.02 -4.42
N ILE A 182 -18.65 -18.49 -5.11
CA ILE A 182 -19.85 -18.03 -4.44
C ILE A 182 -20.97 -19.07 -4.46
N LEU A 183 -21.23 -19.62 -5.64
CA LEU A 183 -22.30 -20.61 -5.79
C LEU A 183 -21.81 -22.05 -5.63
N ASN A 184 -20.52 -22.22 -5.35
CA ASN A 184 -19.93 -23.54 -5.17
C ASN A 184 -20.26 -24.48 -6.33
N SER A 185 -20.02 -24.02 -7.56
CA SER A 185 -20.38 -24.82 -8.71
C SER A 185 -19.26 -24.92 -9.72
N PRO A 186 -18.26 -25.77 -9.42
CA PRO A 186 -17.04 -25.94 -10.22
C PRO A 186 -17.33 -26.40 -11.64
N GLU A 187 -18.42 -27.13 -11.82
CA GLU A 187 -18.78 -27.64 -13.14
C GLU A 187 -19.20 -26.52 -14.05
N LYS A 188 -20.06 -25.63 -13.54
CA LYS A 188 -20.49 -24.46 -14.32
C LYS A 188 -19.32 -23.53 -14.56
N ALA A 189 -18.50 -23.34 -13.52
CA ALA A 189 -17.32 -22.50 -13.59
C ALA A 189 -16.41 -23.01 -14.69
N CYS A 190 -16.16 -24.32 -14.69
CA CYS A 190 -15.30 -24.91 -15.70
C CYS A 190 -15.92 -24.80 -17.08
N SER A 191 -17.21 -25.06 -17.12
CA SER A 191 -17.94 -25.09 -18.36
C SER A 191 -17.87 -23.70 -19.00
N LEU A 192 -18.14 -22.66 -18.21
CA LEU A 192 -18.06 -21.28 -18.68
C LEU A 192 -16.64 -20.89 -19.11
N ALA A 193 -15.66 -21.28 -18.29
CA ALA A 193 -14.26 -20.94 -18.56
C ALA A 193 -13.76 -21.62 -19.82
N LYS A 194 -14.13 -22.88 -19.99
CA LYS A 194 -13.68 -23.64 -21.15
C LYS A 194 -14.30 -23.09 -22.42
N THR A 195 -15.60 -22.88 -22.40
CA THR A 195 -16.28 -22.31 -23.57
C THR A 195 -15.67 -20.97 -23.97
N ALA A 196 -15.41 -20.12 -22.98
CA ALA A 196 -14.90 -18.79 -23.29
C ALA A 196 -13.54 -18.90 -23.94
N PHE A 197 -12.70 -19.80 -23.41
CA PHE A 197 -11.39 -20.06 -23.95
C PHE A 197 -11.43 -20.65 -25.36
N ASP A 198 -12.22 -21.71 -25.55
CA ASP A 198 -12.27 -22.39 -26.85
C ASP A 198 -12.81 -21.52 -27.98
N GLU A 199 -13.84 -20.72 -27.67
CA GLU A 199 -14.42 -19.83 -28.67
C GLU A 199 -13.46 -18.72 -29.08
N ALA A 200 -12.63 -18.27 -28.14
CA ALA A 200 -11.59 -17.31 -28.47
C ALA A 200 -10.53 -17.98 -29.35
N ILE A 201 -10.10 -19.17 -28.96
CA ILE A 201 -9.14 -19.95 -29.75
C ILE A 201 -9.63 -20.14 -31.19
N ALA A 202 -10.94 -20.28 -31.37
CA ALA A 202 -11.53 -20.53 -32.69
C ALA A 202 -11.51 -19.31 -33.64
N GLU A 203 -11.21 -18.13 -33.10
CA GLU A 203 -11.25 -16.92 -33.91
C GLU A 203 -10.14 -15.95 -33.58
N LEU A 204 -8.91 -16.43 -33.58
CA LEU A 204 -7.75 -15.59 -33.26
C LEU A 204 -7.51 -14.47 -34.27
N ASP A 205 -8.08 -14.58 -35.47
CA ASP A 205 -7.94 -13.53 -36.47
C ASP A 205 -8.64 -12.24 -36.04
N THR A 206 -9.59 -12.36 -35.12
CA THR A 206 -10.32 -11.20 -34.61
C THR A 206 -9.53 -10.45 -33.55
N LEU A 207 -8.32 -10.91 -33.24
CA LEU A 207 -7.47 -10.17 -32.32
C LEU A 207 -7.07 -8.86 -32.99
N SER A 208 -7.03 -7.77 -32.22
CA SER A 208 -6.58 -6.49 -32.75
C SER A 208 -5.16 -6.19 -32.30
N GLU A 209 -4.62 -5.09 -32.80
CA GLU A 209 -3.28 -4.69 -32.40
C GLU A 209 -3.31 -4.18 -30.96
N GLU A 210 -4.31 -3.36 -30.67
CA GLU A 210 -4.39 -2.70 -29.37
C GLU A 210 -4.84 -3.63 -28.25
N SER A 211 -5.38 -4.80 -28.60
CA SER A 211 -6.00 -5.64 -27.59
C SER A 211 -5.34 -6.99 -27.34
N TYR A 212 -4.56 -7.50 -28.27
CA TYR A 212 -4.17 -8.91 -28.27
C TYR A 212 -3.38 -9.35 -27.03
N LYS A 213 -2.60 -8.44 -26.47
CA LYS A 213 -1.88 -8.74 -25.24
C LYS A 213 -2.87 -9.02 -24.11
N ASP A 214 -3.80 -8.10 -23.88
CA ASP A 214 -4.81 -8.31 -22.83
C ASP A 214 -5.60 -9.58 -23.09
N SER A 215 -6.06 -9.75 -24.33
CA SER A 215 -6.85 -10.91 -24.69
C SER A 215 -6.11 -12.22 -24.41
N THR A 216 -4.84 -12.30 -24.76
CA THR A 216 -4.12 -13.55 -24.54
C THR A 216 -3.79 -13.81 -23.06
N LEU A 217 -3.54 -12.75 -22.28
CA LEU A 217 -3.31 -12.89 -20.85
C LEU A 217 -4.55 -13.41 -20.12
N ILE A 218 -5.72 -12.83 -20.42
CA ILE A 218 -6.99 -13.26 -19.84
C ILE A 218 -7.32 -14.72 -20.18
N MET A 219 -6.99 -15.12 -21.41
CA MET A 219 -7.16 -16.50 -21.82
C MET A 219 -6.29 -17.43 -20.95
N GLN A 220 -5.06 -17.03 -20.71
CA GLN A 220 -4.18 -17.81 -19.87
C GLN A 220 -4.76 -17.95 -18.47
N LEU A 221 -5.31 -16.84 -17.96
CA LEU A 221 -5.94 -16.88 -16.64
C LEU A 221 -7.10 -17.87 -16.59
N LEU A 222 -7.99 -17.80 -17.58
CA LEU A 222 -9.10 -18.74 -17.73
C LEU A 222 -8.58 -20.17 -17.71
N ARG A 223 -7.54 -20.42 -18.46
CA ARG A 223 -7.00 -21.76 -18.53
C ARG A 223 -6.35 -22.18 -17.19
N ASP A 224 -5.71 -21.22 -16.51
CA ASP A 224 -5.13 -21.48 -15.19
C ASP A 224 -6.26 -21.88 -14.22
N ASN A 225 -7.35 -21.14 -14.24
CA ASN A 225 -8.51 -21.50 -13.43
C ASN A 225 -9.07 -22.89 -13.80
N LEU A 226 -9.23 -23.16 -15.09
CA LEU A 226 -9.68 -24.48 -15.52
C LEU A 226 -8.81 -25.57 -14.93
N THR A 227 -7.50 -25.42 -15.07
CA THR A 227 -6.55 -26.41 -14.60
C THR A 227 -6.68 -26.70 -13.10
N LEU A 228 -6.70 -25.65 -12.30
CA LEU A 228 -6.88 -25.75 -10.86
C LEU A 228 -8.18 -26.47 -10.47
N TRP A 229 -9.27 -26.07 -11.10
CA TRP A 229 -10.61 -26.51 -10.71
C TRP A 229 -10.95 -27.96 -11.09
N THR A 230 -10.19 -28.52 -12.03
CA THR A 230 -10.42 -29.90 -12.46
C THR A 230 -9.33 -30.80 -11.90
N SER A 231 -8.46 -30.24 -11.07
CA SER A 231 -7.39 -30.98 -10.41
C SER A 231 -7.90 -31.59 -9.11
N MET B 2 -10.31 1.04 25.76
CA MET B 2 -9.40 -0.09 25.95
C MET B 2 -8.24 0.26 26.89
N ASP B 3 -7.50 -0.75 27.33
CA ASP B 3 -6.37 -0.52 28.23
C ASP B 3 -5.11 -0.99 27.47
N LYS B 4 -3.95 -0.93 28.12
CA LYS B 4 -2.69 -1.29 27.48
C LYS B 4 -2.78 -2.59 26.70
N ASN B 5 -3.17 -3.67 27.37
CA ASN B 5 -3.15 -4.98 26.74
C ASN B 5 -4.03 -5.11 25.50
N GLU B 6 -5.19 -4.45 25.54
CA GLU B 6 -6.11 -4.49 24.41
C GLU B 6 -5.54 -3.73 23.22
N LEU B 7 -5.12 -2.49 23.47
CA LEU B 7 -4.50 -1.66 22.45
C LEU B 7 -3.32 -2.37 21.78
N VAL B 8 -2.48 -3.01 22.58
CA VAL B 8 -1.30 -3.69 22.06
C VAL B 8 -1.71 -4.87 21.18
N GLN B 9 -2.75 -5.58 21.58
CA GLN B 9 -3.25 -6.67 20.75
C GLN B 9 -3.91 -6.17 19.47
N LYS B 10 -4.64 -5.07 19.58
CA LYS B 10 -5.24 -4.47 18.41
C LYS B 10 -4.12 -4.05 17.44
N ALA B 11 -3.07 -3.43 17.99
CA ALA B 11 -1.92 -3.04 17.18
C ALA B 11 -1.29 -4.24 16.44
N LYS B 12 -1.20 -5.38 17.12
CA LYS B 12 -0.68 -6.59 16.48
C LYS B 12 -1.65 -7.09 15.40
N LEU B 13 -2.94 -6.93 15.64
CA LEU B 13 -3.96 -7.27 14.66
C LEU B 13 -3.78 -6.39 13.41
N ALA B 14 -3.79 -5.08 13.63
CA ALA B 14 -3.56 -4.09 12.57
C ALA B 14 -2.33 -4.39 11.72
N GLU B 15 -1.22 -4.73 12.38
CA GLU B 15 0.01 -5.08 11.66
C GLU B 15 -0.23 -6.21 10.67
N GLN B 16 -0.92 -7.27 11.13
CA GLN B 16 -1.22 -8.43 10.30
C GLN B 16 -2.17 -8.11 9.15
N ALA B 17 -3.06 -7.15 9.38
CA ALA B 17 -4.01 -6.72 8.38
C ALA B 17 -3.36 -5.69 7.46
N GLU B 18 -2.11 -5.35 7.77
CA GLU B 18 -1.37 -4.30 7.07
C GLU B 18 -2.12 -2.98 7.08
N ARG B 19 -2.73 -2.64 8.21
CA ARG B 19 -3.47 -1.40 8.38
C ARG B 19 -2.67 -0.52 9.34
N TYR B 20 -1.66 0.14 8.80
CA TYR B 20 -0.67 0.80 9.62
C TYR B 20 -1.12 2.09 10.31
N ASP B 21 -2.11 2.79 9.79
CA ASP B 21 -2.67 3.93 10.52
C ASP B 21 -3.29 3.49 11.82
N ASP B 22 -4.09 2.42 11.77
CA ASP B 22 -4.71 1.88 12.98
C ASP B 22 -3.62 1.48 13.94
N MET B 23 -2.60 0.79 13.42
CA MET B 23 -1.53 0.27 14.23
C MET B 23 -0.83 1.42 14.94
N ALA B 24 -0.58 2.48 14.19
CA ALA B 24 0.11 3.64 14.73
C ALA B 24 -0.73 4.31 15.80
N ALA B 25 -2.01 4.49 15.50
CA ALA B 25 -2.92 5.15 16.41
C ALA B 25 -3.00 4.38 17.72
N CYS B 26 -3.01 3.04 17.63
CA CYS B 26 -3.01 2.19 18.81
C CYS B 26 -1.78 2.40 19.68
N MET B 27 -0.61 2.42 19.06
CA MET B 27 0.65 2.51 19.78
C MET B 27 0.90 3.92 20.32
N LYS B 28 0.42 4.92 19.58
CA LYS B 28 0.45 6.28 20.07
C LYS B 28 -0.31 6.36 21.41
N SER B 29 -1.50 5.78 21.46
CA SER B 29 -2.29 5.80 22.69
C SER B 29 -1.56 5.10 23.82
N VAL B 30 -0.95 3.95 23.50
CA VAL B 30 -0.15 3.23 24.48
C VAL B 30 0.94 4.13 25.03
N THR B 31 1.67 4.80 24.14
CA THR B 31 2.76 5.68 24.54
C THR B 31 2.24 6.81 25.44
N GLU B 32 1.02 7.25 25.19
CA GLU B 32 0.47 8.39 25.92
C GLU B 32 0.01 8.06 27.36
N GLN B 33 -0.14 6.78 27.67
CA GLN B 33 -0.45 6.39 29.05
C GLN B 33 0.78 6.50 29.97
N GLY B 34 1.90 6.99 29.42
CA GLY B 34 3.02 7.46 30.22
C GLY B 34 4.09 6.49 30.70
N ALA B 35 3.81 5.20 30.65
CA ALA B 35 4.75 4.19 31.12
C ALA B 35 5.81 3.83 30.08
N GLU B 36 7.01 3.49 30.55
CA GLU B 36 8.09 3.03 29.68
C GLU B 36 7.67 1.81 28.88
N LEU B 37 7.91 1.84 27.58
CA LEU B 37 7.48 0.76 26.72
C LEU B 37 8.36 -0.45 26.88
N SER B 38 7.76 -1.63 26.75
CA SER B 38 8.53 -2.87 26.69
C SER B 38 9.26 -2.90 25.36
N ASN B 39 10.11 -3.90 25.16
CA ASN B 39 10.73 -4.07 23.87
C ASN B 39 9.70 -4.38 22.78
N GLU B 40 8.69 -5.17 23.13
CA GLU B 40 7.67 -5.56 22.16
C GLU B 40 6.90 -4.33 21.73
N GLU B 41 6.53 -3.48 22.68
CA GLU B 41 5.73 -2.30 22.37
C GLU B 41 6.51 -1.28 21.53
N ARG B 42 7.76 -1.07 21.92
CA ARG B 42 8.67 -0.17 21.22
C ARG B 42 8.74 -0.54 19.73
N ASN B 43 8.93 -1.82 19.43
CA ASN B 43 9.02 -2.26 18.05
C ASN B 43 7.71 -2.07 17.30
N LEU B 44 6.58 -2.29 17.96
CA LEU B 44 5.28 -2.12 17.34
C LEU B 44 5.08 -0.66 16.98
N LEU B 45 5.47 0.22 17.89
CA LEU B 45 5.39 1.66 17.65
C LEU B 45 6.26 2.04 16.45
N SER B 46 7.51 1.60 16.48
CA SER B 46 8.47 1.93 15.44
C SER B 46 8.02 1.43 14.06
N VAL B 47 7.60 0.17 14.00
CA VAL B 47 7.07 -0.44 12.78
C VAL B 47 5.86 0.32 12.24
N ALA B 48 4.96 0.73 13.13
CA ALA B 48 3.72 1.39 12.71
C ALA B 48 4.00 2.70 11.98
N TYR B 49 4.85 3.52 12.58
CA TYR B 49 5.12 4.84 12.03
C TYR B 49 6.09 4.77 10.85
N LYS B 50 7.00 3.81 10.87
CA LYS B 50 7.87 3.59 9.73
C LYS B 50 7.06 3.37 8.44
N ASN B 51 5.95 2.64 8.56
CA ASN B 51 5.08 2.41 7.41
C ASN B 51 4.23 3.62 7.07
N VAL B 52 3.68 4.26 8.09
CA VAL B 52 2.86 5.46 7.88
C VAL B 52 3.70 6.57 7.23
N VAL B 53 4.90 6.82 7.74
CA VAL B 53 5.75 7.84 7.16
C VAL B 53 6.35 7.38 5.81
N GLY B 54 6.67 6.08 5.71
CA GLY B 54 7.25 5.52 4.51
C GLY B 54 6.36 5.68 3.29
N ALA B 55 5.03 5.54 3.46
CA ALA B 55 4.12 5.72 2.34
C ALA B 55 4.23 7.14 1.76
N ARG B 56 4.29 8.14 2.64
CA ARG B 56 4.41 9.53 2.22
C ARG B 56 5.75 9.82 1.57
N ARG B 57 6.84 9.27 2.12
CA ARG B 57 8.15 9.56 1.57
C ARG B 57 8.23 9.02 0.16
N SER B 58 7.67 7.84 -0.04
CA SER B 58 7.63 7.22 -1.35
C SER B 58 6.74 8.05 -2.31
N SER B 59 5.55 8.42 -1.86
CA SER B 59 4.68 9.25 -2.71
C SER B 59 5.34 10.61 -3.04
N TRP B 60 6.05 11.17 -2.08
CA TRP B 60 6.73 12.45 -2.26
C TRP B 60 7.78 12.36 -3.35
N ARG B 61 8.56 11.28 -3.34
CA ARG B 61 9.63 11.20 -4.30
C ARG B 61 9.10 11.03 -5.72
N VAL B 62 8.07 10.19 -5.87
CA VAL B 62 7.41 9.98 -7.16
C VAL B 62 6.86 11.30 -7.71
N VAL B 63 6.11 12.02 -6.88
CA VAL B 63 5.47 13.26 -7.29
C VAL B 63 6.48 14.40 -7.52
N SER B 64 7.47 14.50 -6.64
CA SER B 64 8.60 15.42 -6.78
C SER B 64 9.40 15.16 -8.04
N SER B 65 9.61 13.89 -8.36
CA SER B 65 10.35 13.56 -9.57
C SER B 65 9.58 14.05 -10.79
N ILE B 66 8.28 13.70 -10.82
CA ILE B 66 7.37 14.16 -11.86
C ILE B 66 7.40 15.69 -12.00
N GLU B 67 7.43 16.39 -10.86
CA GLU B 67 7.52 17.84 -10.88
C GLU B 67 8.78 18.40 -11.55
N GLN B 68 9.94 17.82 -11.28
CA GLN B 68 11.19 18.28 -11.90
C GLN B 68 11.26 17.91 -13.39
N LYS B 69 10.66 16.77 -13.74
CA LYS B 69 10.60 16.31 -15.12
C LYS B 69 9.61 17.08 -16.00
N THR B 70 8.83 17.98 -15.40
CA THR B 70 7.80 18.68 -16.17
C THR B 70 8.07 20.18 -16.27
N GLU B 71 9.34 20.54 -16.18
CA GLU B 71 9.82 21.83 -16.66
C GLU B 71 9.40 21.94 -18.12
N GLY B 72 8.69 23.00 -18.47
CA GLY B 72 8.22 23.19 -19.83
C GLY B 72 6.79 22.77 -20.13
N ALA B 73 6.13 22.19 -19.13
CA ALA B 73 4.70 21.90 -19.24
C ALA B 73 4.03 22.41 -17.97
N GLU B 74 3.70 23.71 -17.97
CA GLU B 74 3.40 24.42 -16.73
C GLU B 74 2.11 23.97 -16.05
N LYS B 75 1.13 23.51 -16.84
CA LYS B 75 -0.11 23.03 -16.24
C LYS B 75 0.18 21.77 -15.45
N LYS B 76 0.84 20.80 -16.08
CA LYS B 76 1.29 19.60 -15.35
C LYS B 76 2.24 19.93 -14.18
N GLN B 77 3.22 20.79 -14.41
CA GLN B 77 4.17 21.10 -13.35
C GLN B 77 3.49 21.76 -12.15
N GLN B 78 2.48 22.57 -12.42
CA GLN B 78 1.70 23.18 -11.35
C GLN B 78 0.89 22.17 -10.53
N MET B 79 0.14 21.31 -11.22
CA MET B 79 -0.60 20.24 -10.56
C MET B 79 0.35 19.37 -9.72
N ALA B 80 1.52 19.05 -10.26
CA ALA B 80 2.54 18.28 -9.52
C ALA B 80 2.99 18.97 -8.24
N ARG B 81 3.38 20.24 -8.35
CA ARG B 81 3.84 21.02 -7.21
C ARG B 81 2.80 21.04 -6.10
N GLU B 82 1.56 21.33 -6.44
CA GLU B 82 0.51 21.46 -5.42
C GLU B 82 0.27 20.13 -4.72
N TYR B 83 0.45 19.05 -5.46
CA TYR B 83 0.24 17.74 -4.91
C TYR B 83 1.45 17.41 -4.06
N ARG B 84 2.65 17.75 -4.53
CA ARG B 84 3.82 17.54 -3.70
C ARG B 84 3.66 18.26 -2.36
N GLU B 85 3.10 19.46 -2.38
CA GLU B 85 2.91 20.24 -1.17
C GLU B 85 1.88 19.65 -0.21
N LYS B 86 0.78 19.11 -0.75
CA LYS B 86 -0.24 18.41 0.05
C LYS B 86 0.37 17.18 0.76
N ILE B 87 1.15 16.41 0.01
CA ILE B 87 1.85 15.25 0.53
C ILE B 87 2.88 15.66 1.60
N GLU B 88 3.60 16.74 1.33
CA GLU B 88 4.60 17.26 2.25
C GLU B 88 4.02 17.64 3.61
N THR B 89 2.86 18.28 3.60
CA THR B 89 2.17 18.61 4.84
C THR B 89 1.82 17.35 5.64
N GLU B 90 1.38 16.29 4.96
CA GLU B 90 1.10 15.02 5.64
C GLU B 90 2.40 14.47 6.24
N LEU B 91 3.45 14.47 5.43
CA LEU B 91 4.77 14.02 5.87
C LEU B 91 5.25 14.78 7.12
N ARG B 92 5.15 16.11 7.09
CA ARG B 92 5.58 16.91 8.23
C ARG B 92 4.78 16.63 9.49
N ASP B 93 3.46 16.55 9.33
CA ASP B 93 2.60 16.32 10.47
C ASP B 93 2.88 14.98 11.13
N ILE B 94 3.21 13.98 10.32
CA ILE B 94 3.55 12.66 10.84
C ILE B 94 4.89 12.69 11.60
N CYS B 95 5.92 13.31 11.02
CA CYS B 95 7.20 13.43 11.71
C CYS B 95 7.05 14.22 13.04
N ASN B 96 6.37 15.36 12.99
CA ASN B 96 6.10 16.16 14.19
C ASN B 96 5.35 15.37 15.24
N ASP B 97 4.49 14.49 14.78
CA ASP B 97 3.73 13.62 15.67
C ASP B 97 4.70 12.72 16.45
N VAL B 98 5.64 12.10 15.74
CA VAL B 98 6.58 11.14 16.33
C VAL B 98 7.67 11.82 17.19
N LEU B 99 8.16 12.96 16.72
CA LEU B 99 9.14 13.73 17.49
C LEU B 99 8.51 14.19 18.80
N SER B 100 7.23 14.54 18.73
CA SER B 100 6.49 14.94 19.91
C SER B 100 6.42 13.81 20.93
N LEU B 101 6.13 12.59 20.48
CA LEU B 101 6.10 11.45 21.40
C LEU B 101 7.50 11.17 21.97
N LEU B 102 8.51 11.54 21.20
CA LEU B 102 9.89 11.28 21.62
C LEU B 102 10.33 12.21 22.75
N GLU B 103 10.01 13.50 22.66
CA GLU B 103 10.40 14.43 23.71
C GLU B 103 9.58 14.20 24.97
N LYS B 104 8.27 14.08 24.82
CA LYS B 104 7.38 14.00 25.97
C LYS B 104 7.43 12.67 26.73
N PHE B 105 7.69 11.57 26.02
CA PHE B 105 7.51 10.26 26.64
C PHE B 105 8.71 9.31 26.50
N LEU B 106 9.09 9.05 25.25
CA LEU B 106 9.99 7.95 24.98
C LEU B 106 11.42 8.23 25.48
N ILE B 107 11.95 9.41 25.19
CA ILE B 107 13.32 9.72 25.61
C ILE B 107 13.53 9.92 27.12
N PRO B 108 12.68 10.75 27.78
CA PRO B 108 12.81 10.91 29.23
C PRO B 108 12.55 9.64 30.04
N ASN B 109 11.76 8.71 29.52
CA ASN B 109 11.42 7.50 30.27
C ASN B 109 12.33 6.31 29.98
N ALA B 110 13.28 6.51 29.08
CA ALA B 110 14.21 5.46 28.69
C ALA B 110 15.22 5.20 29.83
N SER B 111 15.14 4.03 30.44
CA SER B 111 15.99 3.72 31.58
C SER B 111 17.36 3.19 31.18
N GLN B 112 17.40 2.21 30.28
CA GLN B 112 18.66 1.57 29.90
C GLN B 112 19.24 2.15 28.62
N ALA B 113 20.55 2.00 28.45
CA ALA B 113 21.27 2.62 27.34
C ALA B 113 20.73 2.21 25.98
N GLU B 114 20.39 0.94 25.86
CA GLU B 114 19.86 0.37 24.62
C GLU B 114 18.60 1.09 24.15
N SER B 115 17.77 1.48 25.10
CA SER B 115 16.54 2.19 24.79
C SER B 115 16.85 3.61 24.39
N LYS B 116 17.79 4.23 25.10
CA LYS B 116 18.12 5.62 24.82
C LYS B 116 18.75 5.74 23.43
N VAL B 117 19.57 4.78 23.04
CA VAL B 117 20.11 4.76 21.68
C VAL B 117 18.99 4.62 20.64
N PHE B 118 18.13 3.62 20.83
CA PHE B 118 16.97 3.40 19.96
C PHE B 118 16.14 4.67 19.75
N TYR B 119 15.75 5.33 20.83
CA TYR B 119 14.92 6.53 20.71
C TYR B 119 15.67 7.73 20.14
N LEU B 120 16.93 7.92 20.53
CA LEU B 120 17.72 9.01 19.96
C LEU B 120 17.95 8.81 18.46
N LYS B 121 18.11 7.55 18.06
CA LYS B 121 18.29 7.23 16.64
C LYS B 121 17.00 7.53 15.88
N MET B 122 15.88 7.14 16.47
CA MET B 122 14.56 7.40 15.91
C MET B 122 14.35 8.91 15.71
N LYS B 123 14.80 9.69 16.69
CA LYS B 123 14.73 11.15 16.60
C LYS B 123 15.58 11.70 15.47
N GLY B 124 16.79 11.17 15.35
CA GLY B 124 17.63 11.52 14.23
C GLY B 124 16.88 11.20 12.93
N ASP B 125 16.31 10.00 12.86
CA ASP B 125 15.54 9.55 11.70
C ASP B 125 14.44 10.51 11.26
N TYR B 126 13.56 10.90 12.19
CA TYR B 126 12.43 11.70 11.79
C TYR B 126 12.79 13.17 11.49
N TYR B 127 13.90 13.66 12.05
CA TYR B 127 14.44 14.96 11.61
C TYR B 127 15.12 14.79 10.26
N ARG B 128 15.71 13.63 10.00
CA ARG B 128 16.23 13.37 8.66
C ARG B 128 15.10 13.38 7.60
N TYR B 129 13.94 12.84 7.93
CA TYR B 129 12.85 12.80 6.98
C TYR B 129 12.31 14.19 6.73
N LEU B 130 12.24 14.99 7.79
CA LEU B 130 11.95 16.41 7.65
C LEU B 130 13.01 17.09 6.78
N ALA B 131 14.28 16.73 6.98
CA ALA B 131 15.37 17.29 6.16
C ALA B 131 15.27 16.89 4.68
N GLU B 132 14.75 15.70 4.39
CA GLU B 132 14.56 15.30 3.00
C GLU B 132 13.67 16.27 2.22
N VAL B 133 12.74 16.94 2.91
CA VAL B 133 11.79 17.81 2.20
C VAL B 133 11.85 19.28 2.61
N ALA B 134 12.74 19.61 3.53
CA ALA B 134 12.88 20.99 4.00
C ALA B 134 13.52 21.94 2.98
N ALA B 135 12.82 23.03 2.72
CA ALA B 135 13.40 24.14 1.99
C ALA B 135 13.45 25.30 2.98
N GLY B 136 14.42 26.18 2.83
CA GLY B 136 14.60 27.27 3.77
C GLY B 136 16.08 27.52 3.95
N ASP B 137 16.53 28.43 4.83
CA ASP B 137 15.74 29.23 5.79
C ASP B 137 15.01 28.42 6.84
N ASP B 138 15.32 27.14 6.90
CA ASP B 138 14.65 26.26 7.83
C ASP B 138 15.41 24.94 7.84
N LYS B 139 15.94 24.60 6.67
CA LYS B 139 16.66 23.36 6.46
C LYS B 139 17.79 23.17 7.48
N LYS B 140 18.70 24.14 7.54
CA LYS B 140 19.86 24.12 8.47
C LYS B 140 19.54 23.70 9.89
N GLY B 141 18.57 24.35 10.52
CA GLY B 141 18.21 24.01 11.88
C GLY B 141 17.68 22.59 12.00
N ILE B 142 16.89 22.16 11.02
CA ILE B 142 16.36 20.79 11.00
C ILE B 142 17.51 19.78 10.82
N VAL B 143 18.37 20.03 9.83
CA VAL B 143 19.52 19.17 9.58
C VAL B 143 20.37 19.05 10.84
N ASP B 144 20.46 20.16 11.57
CA ASP B 144 21.30 20.20 12.76
C ASP B 144 20.69 19.35 13.88
N GLN B 145 19.36 19.44 14.06
CA GLN B 145 18.68 18.64 15.07
C GLN B 145 18.90 17.14 14.84
N SER B 146 18.89 16.75 13.57
CA SER B 146 19.08 15.36 13.19
C SER B 146 20.50 14.86 13.51
N GLN B 147 21.49 15.68 13.17
CA GLN B 147 22.88 15.31 13.44
C GLN B 147 23.18 15.20 14.93
N GLN B 148 22.63 16.12 15.70
CA GLN B 148 22.84 16.07 17.15
C GLN B 148 22.25 14.81 17.79
N ALA B 149 21.04 14.45 17.40
CA ALA B 149 20.40 13.23 17.90
C ALA B 149 21.16 11.95 17.52
N TYR B 150 21.51 11.79 16.25
CA TYR B 150 22.40 10.69 15.83
C TYR B 150 23.72 10.65 16.63
N GLN B 151 24.39 11.80 16.70
CA GLN B 151 25.69 11.89 17.39
C GLN B 151 25.60 11.48 18.86
N GLU B 152 24.58 11.99 19.55
CA GLU B 152 24.43 11.64 20.95
C GLU B 152 24.23 10.13 21.09
N ALA B 153 23.37 9.57 20.23
CA ALA B 153 23.10 8.14 20.19
C ALA B 153 24.36 7.35 19.89
N PHE B 154 25.12 7.81 18.90
CA PHE B 154 26.37 7.17 18.51
C PHE B 154 27.32 7.04 19.69
N GLU B 155 27.46 8.12 20.46
CA GLU B 155 28.43 8.12 21.54
C GLU B 155 28.01 7.09 22.61
N ILE B 156 26.71 7.03 22.90
CA ILE B 156 26.17 6.08 23.87
C ILE B 156 26.30 4.63 23.39
N SER B 157 26.03 4.38 22.11
CA SER B 157 26.21 3.02 21.60
C SER B 157 27.68 2.64 21.59
N LYS B 158 28.56 3.60 21.33
CA LYS B 158 29.98 3.29 21.31
C LYS B 158 30.48 2.93 22.71
N LYS B 159 30.05 3.68 23.73
CA LYS B 159 30.34 3.33 25.12
C LYS B 159 29.68 2.02 25.60
N GLU B 160 28.39 1.84 25.32
CA GLU B 160 27.59 0.82 26.01
C GLU B 160 27.32 -0.47 25.23
N MET B 161 27.48 -0.47 23.92
CA MET B 161 27.11 -1.67 23.15
C MET B 161 28.24 -2.34 22.40
N GLN B 162 28.19 -3.66 22.29
CA GLN B 162 29.15 -4.34 21.45
C GLN B 162 28.85 -4.00 19.99
N PRO B 163 29.89 -3.99 19.15
CA PRO B 163 29.76 -3.68 17.72
C PRO B 163 28.88 -4.63 16.91
N THR B 164 28.53 -5.81 17.41
CA THR B 164 27.59 -6.66 16.66
C THR B 164 26.13 -6.44 17.09
N HIS B 165 25.93 -5.60 18.10
CA HIS B 165 24.57 -5.32 18.54
C HIS B 165 23.79 -4.66 17.41
N PRO B 166 22.63 -5.23 17.06
CA PRO B 166 21.80 -4.74 15.95
C PRO B 166 21.40 -3.27 16.08
N ILE B 167 21.20 -2.78 17.31
CA ILE B 167 20.82 -1.38 17.49
C ILE B 167 21.99 -0.45 17.14
N ARG B 168 23.21 -0.90 17.42
CA ARG B 168 24.37 -0.11 17.10
C ARG B 168 24.70 -0.12 15.61
N LEU B 169 24.67 -1.31 15.01
CA LEU B 169 24.88 -1.41 13.56
C LEU B 169 23.81 -0.58 12.83
N GLY B 170 22.56 -0.70 13.27
CA GLY B 170 21.47 0.03 12.67
C GLY B 170 21.61 1.54 12.79
N LEU B 171 22.20 2.01 13.89
CA LEU B 171 22.46 3.42 14.06
C LEU B 171 23.54 3.87 13.07
N ALA B 172 24.61 3.08 12.97
CA ALA B 172 25.67 3.37 12.02
C ALA B 172 25.13 3.45 10.60
N LEU B 173 24.29 2.49 10.25
CA LEU B 173 23.63 2.49 8.94
C LEU B 173 22.92 3.82 8.66
N ASN B 174 22.00 4.21 9.54
CA ASN B 174 21.18 5.39 9.31
C ASN B 174 21.97 6.71 9.46
N PHE B 175 22.92 6.74 10.36
CA PHE B 175 23.80 7.90 10.53
C PHE B 175 24.69 8.04 9.28
N SER B 176 25.12 6.92 8.72
CA SER B 176 25.94 7.02 7.52
C SER B 176 25.08 7.51 6.35
N VAL B 177 23.86 7.01 6.22
CA VAL B 177 22.93 7.53 5.21
C VAL B 177 22.70 9.04 5.40
N PHE B 178 22.58 9.47 6.66
CA PHE B 178 22.49 10.89 6.98
C PHE B 178 23.64 11.70 6.37
N TYR B 179 24.88 11.25 6.57
CA TYR B 179 26.04 11.93 6.02
C TYR B 179 26.02 12.02 4.50
N TYR B 180 25.70 10.90 3.85
CA TYR B 180 25.68 10.87 2.39
C TYR B 180 24.55 11.69 1.82
N GLU B 181 23.32 11.43 2.22
CA GLU B 181 22.16 12.03 1.55
C GLU B 181 21.90 13.45 2.00
N ILE B 182 22.09 13.71 3.29
CA ILE B 182 21.68 15.00 3.84
C ILE B 182 22.84 16.00 3.97
N LEU B 183 23.97 15.56 4.51
CA LEU B 183 25.12 16.44 4.65
C LEU B 183 25.97 16.42 3.41
N ASN B 184 25.63 15.56 2.46
CA ASN B 184 26.39 15.45 1.22
C ASN B 184 27.91 15.27 1.46
N SER B 185 28.26 14.28 2.28
CA SER B 185 29.66 13.98 2.50
C SER B 185 29.90 12.50 2.33
N PRO B 186 30.11 12.07 1.09
CA PRO B 186 30.30 10.64 0.85
C PRO B 186 31.48 10.05 1.65
N GLU B 187 32.53 10.83 1.90
CA GLU B 187 33.65 10.27 2.65
C GLU B 187 33.34 10.00 4.12
N LYS B 188 32.60 10.89 4.77
CA LYS B 188 32.23 10.68 6.15
C LYS B 188 31.23 9.53 6.26
N ALA B 189 30.32 9.44 5.29
CA ALA B 189 29.39 8.33 5.21
C ALA B 189 30.14 6.98 5.05
N CYS B 190 31.10 6.94 4.13
CA CYS B 190 31.83 5.69 3.89
C CYS B 190 32.63 5.28 5.10
N SER B 191 33.27 6.28 5.71
CA SER B 191 34.10 6.08 6.89
C SER B 191 33.34 5.45 8.04
N LEU B 192 32.17 6.02 8.35
CA LEU B 192 31.32 5.51 9.41
C LEU B 192 30.86 4.10 9.05
N ALA B 193 30.43 3.90 7.79
CA ALA B 193 29.93 2.61 7.36
C ALA B 193 31.01 1.53 7.36
N LYS B 194 32.20 1.88 6.90
CA LYS B 194 33.31 0.93 6.83
C LYS B 194 33.76 0.54 8.25
N THR B 195 33.91 1.52 9.11
CA THR B 195 34.29 1.30 10.49
C THR B 195 33.35 0.34 11.20
N ALA B 196 32.05 0.58 11.06
CA ALA B 196 31.04 -0.24 11.74
C ALA B 196 31.04 -1.67 11.21
N PHE B 197 31.17 -1.83 9.91
CA PHE B 197 31.21 -3.14 9.30
C PHE B 197 32.42 -3.94 9.80
N ASP B 198 33.60 -3.33 9.72
CA ASP B 198 34.85 -4.00 10.08
C ASP B 198 34.93 -4.36 11.55
N GLU B 199 34.46 -3.48 12.43
CA GLU B 199 34.47 -3.79 13.85
C GLU B 199 33.53 -4.96 14.17
N ALA B 200 32.44 -5.07 13.41
CA ALA B 200 31.52 -6.18 13.55
C ALA B 200 32.14 -7.48 13.04
N ILE B 201 32.78 -7.41 11.88
CA ILE B 201 33.51 -8.54 11.30
C ILE B 201 34.52 -9.14 12.28
N ALA B 202 35.15 -8.28 13.08
CA ALA B 202 36.20 -8.70 14.01
C ALA B 202 35.68 -9.45 15.24
N GLU B 203 34.36 -9.49 15.43
CA GLU B 203 33.79 -10.08 16.63
C GLU B 203 32.52 -10.88 16.35
N LEU B 204 32.55 -11.74 15.34
CA LEU B 204 31.37 -12.51 15.00
C LEU B 204 30.97 -13.55 16.07
N ASP B 205 31.90 -13.91 16.94
CA ASP B 205 31.62 -14.86 18.01
C ASP B 205 30.65 -14.31 19.07
N THR B 206 30.56 -12.98 19.14
CA THR B 206 29.66 -12.29 20.07
C THR B 206 28.17 -12.25 19.60
N LEU B 207 27.90 -12.83 18.42
CA LEU B 207 26.53 -12.88 17.92
C LEU B 207 25.70 -13.87 18.74
N SER B 208 24.43 -13.52 18.96
CA SER B 208 23.51 -14.39 19.68
C SER B 208 22.59 -15.12 18.72
N GLU B 209 21.77 -16.02 19.24
CA GLU B 209 20.76 -16.67 18.42
C GLU B 209 19.67 -15.70 18.00
N GLU B 210 19.25 -14.85 18.93
CA GLU B 210 18.18 -13.90 18.69
C GLU B 210 18.57 -12.70 17.83
N SER B 211 19.86 -12.46 17.66
CA SER B 211 20.29 -11.23 16.99
C SER B 211 21.02 -11.41 15.66
N TYR B 212 21.65 -12.56 15.45
CA TYR B 212 22.62 -12.71 14.35
C TYR B 212 22.04 -12.46 12.97
N LYS B 213 20.77 -12.81 12.77
CA LYS B 213 20.12 -12.55 11.49
C LYS B 213 20.10 -11.06 11.26
N ASP B 214 19.53 -10.35 12.22
CA ASP B 214 19.39 -8.92 12.12
C ASP B 214 20.76 -8.26 11.97
N SER B 215 21.70 -8.65 12.82
CA SER B 215 23.04 -8.10 12.77
C SER B 215 23.71 -8.31 11.41
N THR B 216 23.69 -9.53 10.91
CA THR B 216 24.34 -9.80 9.64
C THR B 216 23.61 -9.16 8.43
N LEU B 217 22.28 -9.05 8.51
CA LEU B 217 21.53 -8.37 7.46
C LEU B 217 21.91 -6.89 7.38
N ILE B 218 21.98 -6.22 8.53
CA ILE B 218 22.37 -4.81 8.58
C ILE B 218 23.80 -4.60 8.05
N MET B 219 24.68 -5.55 8.35
CA MET B 219 26.06 -5.53 7.84
C MET B 219 26.07 -5.56 6.31
N GLN B 220 25.20 -6.38 5.73
CA GLN B 220 25.10 -6.48 4.27
C GLN B 220 24.65 -5.15 3.70
N LEU B 221 23.69 -4.52 4.38
CA LEU B 221 23.23 -3.20 3.99
C LEU B 221 24.36 -2.16 4.03
N LEU B 222 25.12 -2.12 5.14
CA LEU B 222 26.28 -1.25 5.25
C LEU B 222 27.25 -1.45 4.08
N ARG B 223 27.56 -2.71 3.75
CA ARG B 223 28.47 -2.98 2.65
C ARG B 223 27.87 -2.63 1.28
N ASP B 224 26.57 -2.79 1.11
CA ASP B 224 25.92 -2.37 -0.14
C ASP B 224 26.04 -0.87 -0.34
N ASN B 225 25.76 -0.09 0.72
CA ASN B 225 25.94 1.35 0.66
C ASN B 225 27.38 1.72 0.32
N LEU B 226 28.34 1.06 0.97
CA LEU B 226 29.76 1.27 0.67
C LEU B 226 30.05 1.04 -0.81
N THR B 227 29.59 -0.08 -1.34
CA THR B 227 29.76 -0.39 -2.76
C THR B 227 29.14 0.69 -3.66
N LEU B 228 27.90 1.06 -3.35
CA LEU B 228 27.21 2.08 -4.13
C LEU B 228 27.98 3.39 -4.10
N TRP B 229 28.36 3.83 -2.90
CA TRP B 229 28.93 5.15 -2.68
C TRP B 229 30.32 5.34 -3.26
N THR B 230 30.99 4.24 -3.61
CA THR B 230 32.35 4.31 -4.15
C THR B 230 32.45 4.02 -5.66
N SER C 7 -7.09 -19.12 -7.28
CA SER C 7 -8.35 -18.79 -7.93
C SER C 7 -8.38 -17.32 -8.32
N ALA C 8 -8.12 -17.06 -9.60
CA ALA C 8 -7.84 -15.72 -10.06
C ALA C 8 -9.02 -15.02 -10.77
N LEU C 10 -10.05 -11.02 -12.61
CA LEU C 10 -9.39 -10.08 -13.52
C LEU C 10 -8.37 -9.17 -12.78
N SER C 11 -8.59 -8.97 -11.49
CA SER C 11 -7.67 -8.22 -10.61
C SER C 11 -6.20 -8.52 -10.87
N ASN C 12 -5.91 -9.72 -11.33
CA ASN C 12 -4.56 -10.09 -11.75
C ASN C 12 -4.23 -9.65 -13.19
N LEU C 13 -3.56 -8.50 -13.32
CA LEU C 13 -3.17 -7.99 -14.64
C LEU C 13 -2.00 -7.00 -14.57
N SER D 7 19.92 4.90 -1.65
CA SER D 7 20.68 4.47 -0.48
C SER D 7 19.77 3.70 0.46
N ALA D 8 20.28 2.59 0.98
CA ALA D 8 19.52 1.71 1.86
C ALA D 8 19.58 2.16 3.32
N LEU D 10 17.68 1.36 7.35
CA LEU D 10 17.22 0.21 8.15
C LEU D 10 15.81 -0.22 7.75
N SER D 11 15.05 0.73 7.21
CA SER D 11 13.72 0.45 6.66
C SER D 11 13.77 -0.75 5.70
N ASN D 12 14.87 -0.82 4.96
CA ASN D 12 15.11 -1.84 3.93
C ASN D 12 15.33 -3.23 4.52
N LEU D 13 15.49 -3.30 5.84
CA LEU D 13 15.58 -4.59 6.50
C LEU D 13 14.25 -5.33 6.33
N HIS D 14 14.31 -6.67 6.29
CA HIS D 14 13.11 -7.49 6.16
C HIS D 14 13.20 -8.64 7.15
#